data_9CZX
#
_entry.id   9CZX
#
_cell.length_a   67.73
_cell.length_b   68.28
_cell.length_c   72.15
_cell.angle_alpha   90
_cell.angle_beta   104.56
_cell.angle_gamma   90
#
_symmetry.space_group_name_H-M   'P 1 21 1'
#
loop_
_entity.id
_entity.type
_entity.pdbx_description
1 polymer 'Mitogen-activated protein kinase kinase kinase kinase 1'
2 non-polymer 4-[(1R)-1-aminopropyl]-2-{6-[(4S,5S)-5-methyl-6,7-dihydro-5H-pyrrolo[2,1-c][1,2,4]triazol-3-yl]pyridin-2-yl}-6-[(2R)-2-methylpyrrolidin-1-yl]-2,3-dihydro-1H-pyrrolo[3,4-c]pyridin-1-one
3 non-polymer 'CHLORIDE ION'
4 water water
#
_entity_poly.entity_id   1
_entity_poly.type   'polypeptide(L)'
_entity_poly.pdbx_seq_one_letter_code
;GSMDVVDPDIFNRDPRDHYDLLQRLGGGTYGEVFKARDKVSGDLVALKMVKMEPDDDVSTLQKEILILKTCRHANIVAYH
GSYLWLQKLWICMEFCGAGSLQDIYQVTGSLSELQISYVCREVLQGLAYLHSQKKIHRDIKGANILINDAGEVRLADFGI
SAQIGAELARRLEFIGTPYWMAPEVAAVALKGGYNELCDIWSLGITAIELAELQPPLFDVHPLRVLFLMTKSGYQPPRLK
EKGKWSAAFHNFIKVTLTKSPKKRPSATKMLSHQLVSQPGLNRGLILDLLDKLKNPGKGPSIGDIEDEE
;
_entity_poly.pdbx_strand_id   A,B
#
# COMPACT_ATOMS: atom_id res chain seq x y z
N SER A 2 -3.05 27.48 17.88
CA SER A 2 -2.83 26.99 19.25
C SER A 2 -3.50 25.67 19.52
N MET A 3 -4.58 25.36 18.81
CA MET A 3 -5.29 24.09 19.07
C MET A 3 -4.56 22.88 18.47
N ASP A 4 -3.53 23.10 17.63
CA ASP A 4 -2.80 21.98 17.02
C ASP A 4 -1.65 21.54 17.93
N VAL A 5 -1.30 20.23 17.90
CA VAL A 5 -0.16 19.75 18.68
C VAL A 5 1.12 20.43 18.17
N VAL A 6 1.29 20.49 16.85
CA VAL A 6 2.40 21.20 16.23
C VAL A 6 1.75 22.29 15.37
N ASP A 7 2.04 23.55 15.68
CA ASP A 7 1.42 24.66 14.96
C ASP A 7 2.05 24.76 13.54
N PRO A 8 1.24 24.72 12.48
CA PRO A 8 1.80 24.87 11.12
C PRO A 8 2.25 26.31 10.82
N ASP A 9 1.97 27.27 11.70
CA ASP A 9 2.37 28.68 11.52
C ASP A 9 1.82 29.25 10.22
N ILE A 10 0.49 29.22 10.07
CA ILE A 10 -0.18 29.73 8.88
C ILE A 10 -0.84 31.06 9.21
N PHE A 11 -0.41 32.13 8.54
CA PHE A 11 -0.97 33.46 8.73
C PHE A 11 -2.16 33.61 7.78
N ASN A 12 -3.30 34.06 8.27
CA ASN A 12 -4.47 34.32 7.45
C ASN A 12 -4.37 35.78 7.03
N ARG A 13 -3.43 36.09 6.15
CA ARG A 13 -3.17 37.44 5.66
C ARG A 13 -2.39 37.43 4.37
N ASP A 14 -2.38 38.58 3.65
CA ASP A 14 -1.65 38.69 2.40
C ASP A 14 -0.15 38.52 2.64
N PRO A 15 0.53 37.63 1.88
CA PRO A 15 1.99 37.49 2.06
C PRO A 15 2.73 38.80 1.74
N ARG A 16 2.10 39.70 0.96
CA ARG A 16 2.66 41.01 0.64
C ARG A 16 2.72 41.96 1.86
N ASP A 17 2.10 41.59 2.99
CA ASP A 17 2.24 42.36 4.23
C ASP A 17 3.68 42.19 4.76
N HIS A 18 4.32 41.03 4.50
CA HIS A 18 5.65 40.71 4.99
C HIS A 18 6.72 40.62 3.90
N TYR A 19 6.34 40.37 2.65
CA TYR A 19 7.31 40.16 1.57
C TYR A 19 7.06 40.97 0.32
N ASP A 20 8.15 41.27 -0.42
CA ASP A 20 8.03 41.92 -1.72
C ASP A 20 8.17 40.77 -2.75
N LEU A 21 7.09 40.52 -3.48
CA LEU A 21 7.03 39.47 -4.47
C LEU A 21 7.92 39.76 -5.66
N LEU A 22 8.88 38.87 -5.94
CA LEU A 22 9.78 39.04 -7.08
C LEU A 22 9.43 38.03 -8.21
N GLN A 23 10.39 37.62 -9.04
CA GLN A 23 10.10 36.82 -10.21
C GLN A 23 9.62 35.39 -9.91
N ARG A 24 8.86 34.88 -10.87
CA ARG A 24 8.39 33.52 -10.90
C ARG A 24 9.59 32.70 -11.27
N LEU A 25 9.95 31.74 -10.43
CA LEU A 25 11.11 30.88 -10.71
C LEU A 25 10.75 29.63 -11.52
N GLY A 26 9.52 29.16 -11.37
CA GLY A 26 9.05 27.95 -12.02
C GLY A 26 7.68 27.55 -11.57
N GLY A 27 7.19 26.45 -12.12
CA GLY A 27 5.87 25.95 -11.81
C GLY A 27 5.65 24.56 -12.32
N GLY A 28 4.59 23.95 -11.83
CA GLY A 28 4.22 22.61 -12.21
C GLY A 28 2.85 22.23 -11.71
N THR A 29 2.57 20.93 -11.57
CA THR A 29 1.26 20.48 -11.12
C THR A 29 0.96 20.91 -9.69
N TYR A 30 2.00 21.10 -8.88
CA TYR A 30 1.86 21.54 -7.48
C TYR A 30 1.47 23.02 -7.34
N GLY A 31 1.72 23.82 -8.37
CA GLY A 31 1.52 25.26 -8.30
C GLY A 31 2.72 26.01 -8.84
N GLU A 32 3.19 27.07 -8.15
CA GLU A 32 4.32 27.86 -8.62
C GLU A 32 5.32 28.18 -7.53
N VAL A 33 6.56 28.51 -7.91
CA VAL A 33 7.56 28.97 -6.94
C VAL A 33 7.96 30.35 -7.36
N PHE A 34 7.95 31.27 -6.40
CA PHE A 34 8.35 32.65 -6.63
C PHE A 34 9.52 33.02 -5.72
N LYS A 35 10.30 33.98 -6.17
CA LYS A 35 11.38 34.53 -5.37
C LYS A 35 10.72 35.69 -4.60
N ALA A 36 11.14 35.94 -3.35
CA ALA A 36 10.58 37.04 -2.55
C ALA A 36 11.62 37.59 -1.57
N ARG A 37 11.39 38.81 -1.06
CA ARG A 37 12.33 39.48 -0.17
C ARG A 37 11.60 39.93 1.07
N ASP A 38 12.17 39.65 2.24
CA ASP A 38 11.58 40.03 3.51
C ASP A 38 11.60 41.56 3.61
N LYS A 39 10.45 42.16 3.91
CA LYS A 39 10.32 43.62 3.99
C LYS A 39 11.10 44.30 5.12
N VAL A 40 11.57 43.54 6.14
CA VAL A 40 12.32 44.19 7.23
C VAL A 40 13.81 43.80 7.20
N SER A 41 14.14 42.52 7.03
CA SER A 41 15.54 42.09 7.03
C SER A 41 16.22 42.15 5.66
N GLY A 42 15.44 42.20 4.59
CA GLY A 42 16.00 42.19 3.24
C GLY A 42 16.47 40.82 2.78
N ASP A 43 16.21 39.76 3.57
CA ASP A 43 16.64 38.41 3.23
C ASP A 43 15.73 37.79 2.18
N LEU A 44 16.31 36.99 1.30
CA LEU A 44 15.55 36.34 0.25
C LEU A 44 14.91 35.06 0.75
N VAL A 45 13.71 34.79 0.19
CA VAL A 45 12.95 33.58 0.47
C VAL A 45 12.34 33.05 -0.83
N ALA A 46 11.94 31.78 -0.83
CA ALA A 46 11.19 31.20 -1.92
C ALA A 46 9.75 30.98 -1.40
N LEU A 47 8.75 31.38 -2.17
CA LEU A 47 7.34 31.19 -1.82
C LEU A 47 6.76 30.13 -2.76
N LYS A 48 6.25 29.00 -2.23
CA LYS A 48 5.63 28.00 -3.09
C LYS A 48 4.13 28.31 -3.00
N MET A 49 3.52 28.69 -4.10
CA MET A 49 2.14 29.11 -4.12
C MET A 49 1.24 28.07 -4.75
N VAL A 50 0.19 27.69 -4.02
CA VAL A 50 -0.79 26.69 -4.44
C VAL A 50 -2.19 27.29 -4.45
N LYS A 51 -2.90 27.11 -5.57
CA LYS A 51 -4.26 27.57 -5.78
C LYS A 51 -5.21 26.61 -5.07
N MET A 52 -6.08 27.13 -4.21
CA MET A 52 -7.03 26.34 -3.47
C MET A 52 -8.39 26.23 -4.18
N GLU A 53 -9.11 25.16 -3.86
CA GLU A 53 -10.46 24.89 -4.34
C GLU A 53 -11.46 25.48 -3.35
N PRO A 54 -12.63 25.94 -3.82
CA PRO A 54 -13.64 26.49 -2.91
C PRO A 54 -14.40 25.36 -2.20
N SER A 59 -5.78 20.27 4.05
CA SER A 59 -5.28 19.30 5.03
C SER A 59 -4.00 18.58 4.59
N THR A 60 -3.91 18.16 3.31
CA THR A 60 -2.66 17.51 2.86
C THR A 60 -1.57 18.60 2.73
N LEU A 61 -1.91 19.85 2.37
CA LEU A 61 -0.93 20.93 2.36
C LEU A 61 -0.47 21.23 3.78
N GLN A 62 -1.40 21.12 4.79
CA GLN A 62 -0.98 21.32 6.17
C GLN A 62 0.00 20.19 6.55
N LYS A 63 -0.23 18.96 6.07
CA LYS A 63 0.71 17.87 6.32
C LYS A 63 2.08 18.14 5.69
N GLU A 64 2.11 18.75 4.50
CA GLU A 64 3.37 19.09 3.84
C GLU A 64 4.10 20.14 4.67
N ILE A 65 3.38 21.16 5.17
CA ILE A 65 3.96 22.21 5.99
C ILE A 65 4.57 21.59 7.27
N LEU A 66 3.84 20.63 7.88
CA LEU A 66 4.28 20.03 9.12
C LEU A 66 5.47 19.16 8.94
N ILE A 67 5.55 18.43 7.81
CA ILE A 67 6.75 17.64 7.51
C ILE A 67 7.98 18.56 7.43
N LEU A 68 7.82 19.69 6.76
CA LEU A 68 8.89 20.65 6.60
C LEU A 68 9.30 21.34 7.93
N LYS A 69 8.32 21.86 8.67
CA LYS A 69 8.54 22.57 9.91
C LYS A 69 9.29 21.73 10.97
N THR A 70 8.89 20.46 11.09
CA THR A 70 9.51 19.58 12.07
C THR A 70 10.92 19.07 11.63
N CYS A 71 11.41 19.45 10.42
CA CYS A 71 12.80 19.17 10.01
C CYS A 71 13.62 20.32 10.49
N ARG A 72 14.72 20.05 11.16
CA ARG A 72 15.65 21.07 11.60
C ARG A 72 17.03 20.51 11.29
N HIS A 73 17.40 20.54 10.01
CA HIS A 73 18.66 19.99 9.56
C HIS A 73 19.20 20.85 8.42
N ALA A 74 20.52 21.07 8.41
CA ALA A 74 21.20 21.91 7.42
C ALA A 74 20.97 21.48 5.97
N ASN A 75 20.72 20.21 5.71
CA ASN A 75 20.51 19.72 4.36
C ASN A 75 19.05 19.67 3.95
N ILE A 76 18.15 20.33 4.68
CA ILE A 76 16.75 20.41 4.32
C ILE A 76 16.32 21.86 4.32
N VAL A 77 15.67 22.34 3.22
CA VAL A 77 15.26 23.76 3.16
C VAL A 77 14.48 24.20 4.41
N ALA A 78 14.86 25.37 4.95
CA ALA A 78 14.23 25.94 6.12
C ALA A 78 12.83 26.46 5.85
N TYR A 79 11.99 26.46 6.89
CA TYR A 79 10.60 26.90 6.84
C TYR A 79 10.47 28.20 7.58
N HIS A 80 9.77 29.16 6.98
CA HIS A 80 9.56 30.47 7.58
C HIS A 80 8.10 30.88 7.73
N GLY A 81 7.17 29.95 7.65
CA GLY A 81 5.76 30.29 7.80
C GLY A 81 4.99 30.26 6.48
N SER A 82 3.69 30.25 6.54
CA SER A 82 2.83 30.20 5.35
C SER A 82 1.73 31.25 5.46
N TYR A 83 1.15 31.62 4.29
CA TYR A 83 0.07 32.60 4.21
C TYR A 83 -1.10 32.02 3.45
N LEU A 84 -2.27 32.05 4.05
CA LEU A 84 -3.49 31.55 3.42
C LEU A 84 -4.31 32.80 3.20
N TRP A 85 -4.51 33.18 1.93
CA TRP A 85 -5.20 34.43 1.62
C TRP A 85 -5.88 34.33 0.28
N LEU A 86 -7.14 34.73 0.20
CA LEU A 86 -7.91 34.75 -1.05
C LEU A 86 -7.78 33.46 -1.87
N GLN A 87 -7.99 32.33 -1.19
CA GLN A 87 -7.96 30.99 -1.79
C GLN A 87 -6.61 30.59 -2.32
N LYS A 88 -5.52 31.10 -1.73
CA LYS A 88 -4.18 30.76 -2.15
C LYS A 88 -3.32 30.46 -0.91
N LEU A 89 -2.48 29.42 -1.00
CA LEU A 89 -1.56 29.14 0.11
C LEU A 89 -0.16 29.42 -0.41
N TRP A 90 0.60 30.22 0.32
CA TRP A 90 1.97 30.57 -0.04
C TRP A 90 2.87 29.99 1.06
N ILE A 91 3.65 28.95 0.76
CA ILE A 91 4.57 28.34 1.76
C ILE A 91 5.93 29.01 1.67
N CYS A 92 6.36 29.67 2.73
CA CYS A 92 7.62 30.41 2.72
C CYS A 92 8.79 29.59 3.19
N MET A 93 9.83 29.48 2.35
CA MET A 93 10.98 28.63 2.61
C MET A 93 12.34 29.28 2.26
N GLU A 94 13.45 28.58 2.57
CA GLU A 94 14.80 29.02 2.31
C GLU A 94 15.00 29.17 0.80
N PHE A 95 15.58 30.30 0.36
CA PHE A 95 15.86 30.53 -1.05
C PHE A 95 17.26 29.97 -1.37
N CYS A 96 17.35 29.23 -2.47
CA CYS A 96 18.60 28.62 -2.88
C CYS A 96 18.97 29.26 -4.21
N GLY A 97 19.89 30.22 -4.11
CA GLY A 97 20.30 31.11 -5.20
C GLY A 97 20.75 30.56 -6.52
N ALA A 98 21.25 29.32 -6.54
CA ALA A 98 21.68 28.71 -7.78
C ALA A 98 20.60 27.79 -8.40
N GLY A 99 19.48 27.62 -7.71
CA GLY A 99 18.39 26.76 -8.18
C GLY A 99 18.67 25.31 -7.90
N SER A 100 18.03 24.43 -8.66
CA SER A 100 18.20 22.99 -8.50
C SER A 100 19.38 22.48 -9.30
N LEU A 101 19.85 21.26 -9.02
CA LEU A 101 20.92 20.67 -9.79
C LEU A 101 20.50 20.50 -11.27
N GLN A 102 19.19 20.32 -11.55
CA GLN A 102 18.69 20.25 -12.93
C GLN A 102 18.89 21.60 -13.61
N ASP A 103 18.53 22.70 -12.92
CA ASP A 103 18.73 24.05 -13.46
C ASP A 103 20.19 24.29 -13.80
N ILE A 104 21.10 23.76 -12.98
CA ILE A 104 22.54 23.90 -13.17
C ILE A 104 23.08 23.01 -14.29
N TYR A 105 22.88 21.68 -14.22
CA TYR A 105 23.43 20.78 -15.23
C TYR A 105 22.88 21.00 -16.65
N GLN A 106 21.72 21.65 -16.81
CA GLN A 106 21.16 21.96 -18.13
C GLN A 106 22.04 22.99 -18.91
N VAL A 107 22.79 23.81 -18.16
CA VAL A 107 23.70 24.80 -18.73
C VAL A 107 25.15 24.26 -18.74
N THR A 108 25.51 23.57 -17.68
CA THR A 108 26.83 23.14 -17.29
C THR A 108 27.29 21.82 -17.94
N GLY A 109 26.35 20.93 -18.23
CA GLY A 109 26.68 19.59 -18.68
C GLY A 109 27.03 18.71 -17.48
N SER A 110 27.42 17.44 -17.73
CA SER A 110 27.76 16.45 -16.72
C SER A 110 28.61 17.00 -15.55
N LEU A 111 28.22 16.73 -14.29
CA LEU A 111 29.00 17.16 -13.14
C LEU A 111 30.19 16.21 -13.05
N SER A 112 31.29 16.63 -12.39
CA SER A 112 32.44 15.76 -12.23
C SER A 112 32.12 14.69 -11.18
N GLU A 113 32.93 13.62 -11.12
CA GLU A 113 32.76 12.59 -10.11
C GLU A 113 32.84 13.16 -8.68
N LEU A 114 33.79 14.08 -8.39
CA LEU A 114 33.89 14.64 -7.04
C LEU A 114 32.68 15.49 -6.68
N GLN A 115 32.17 16.25 -7.66
CA GLN A 115 31.00 17.09 -7.44
C GLN A 115 29.78 16.19 -7.17
N ILE A 116 29.67 15.05 -7.88
CA ILE A 116 28.57 14.11 -7.64
C ILE A 116 28.70 13.52 -6.24
N SER A 117 29.93 13.17 -5.84
CA SER A 117 30.22 12.59 -4.51
C SER A 117 29.81 13.52 -3.38
N TYR A 118 30.12 14.82 -3.50
CA TYR A 118 29.77 15.77 -2.47
C TYR A 118 28.24 15.88 -2.35
N VAL A 119 27.55 15.99 -3.50
CA VAL A 119 26.09 16.08 -3.52
C VAL A 119 25.49 14.83 -2.86
N CYS A 120 25.98 13.63 -3.22
CA CYS A 120 25.45 12.39 -2.63
C CYS A 120 25.64 12.34 -1.14
N ARG A 121 26.83 12.79 -0.66
CA ARG A 121 27.07 12.79 0.80
C ARG A 121 26.05 13.69 1.50
N GLU A 122 25.83 14.88 0.94
CA GLU A 122 24.92 15.85 1.50
C GLU A 122 23.45 15.38 1.49
N VAL A 123 23.04 14.75 0.38
CA VAL A 123 21.68 14.22 0.28
C VAL A 123 21.51 13.09 1.32
N LEU A 124 22.55 12.22 1.47
CA LEU A 124 22.50 11.11 2.43
C LEU A 124 22.37 11.62 3.86
N GLN A 125 23.03 12.73 4.19
CA GLN A 125 22.87 13.33 5.51
C GLN A 125 21.43 13.76 5.77
N GLY A 126 20.83 14.45 4.80
CA GLY A 126 19.44 14.87 4.86
C GLY A 126 18.50 13.69 5.00
N LEU A 127 18.73 12.63 4.17
CA LEU A 127 17.95 11.39 4.20
C LEU A 127 18.07 10.66 5.53
N ALA A 128 19.28 10.55 6.08
CA ALA A 128 19.47 9.86 7.37
C ALA A 128 18.66 10.57 8.45
N TYR A 129 18.68 11.90 8.41
CA TYR A 129 17.94 12.70 9.37
C TYR A 129 16.41 12.45 9.19
N LEU A 130 15.89 12.58 7.96
CA LEU A 130 14.49 12.36 7.66
C LEU A 130 14.02 10.97 8.09
N HIS A 131 14.80 9.93 7.76
CA HIS A 131 14.45 8.56 8.10
C HIS A 131 14.49 8.35 9.61
N SER A 132 15.38 9.07 10.34
CA SER A 132 15.41 9.00 11.80
C SER A 132 14.11 9.49 12.41
N GLN A 133 13.42 10.44 11.72
CA GLN A 133 12.13 11.01 12.12
C GLN A 133 10.95 10.20 11.58
N LYS A 134 11.18 9.01 11.00
CA LYS A 134 10.13 8.17 10.41
C LYS A 134 9.43 8.89 9.25
N LYS A 135 10.19 9.73 8.51
CA LYS A 135 9.67 10.43 7.33
C LYS A 135 10.30 9.79 6.10
N ILE A 136 9.61 9.87 4.95
CA ILE A 136 10.13 9.35 3.69
C ILE A 136 10.03 10.51 2.70
N HIS A 137 11.05 10.72 1.88
CA HIS A 137 10.97 11.83 0.90
C HIS A 137 10.06 11.44 -0.29
N ARG A 138 10.40 10.33 -0.94
CA ARG A 138 9.72 9.75 -2.07
C ARG A 138 9.76 10.55 -3.38
N ASP A 139 10.49 11.66 -3.41
CA ASP A 139 10.63 12.42 -4.67
C ASP A 139 12.04 12.98 -4.86
N ILE A 140 13.05 12.15 -4.52
CA ILE A 140 14.44 12.56 -4.70
C ILE A 140 14.79 12.55 -6.20
N LYS A 141 15.33 13.66 -6.66
CA LYS A 141 15.77 13.84 -8.05
C LYS A 141 16.51 15.17 -8.15
N GLY A 142 17.21 15.39 -9.26
CA GLY A 142 17.95 16.64 -9.47
C GLY A 142 17.14 17.91 -9.29
N ALA A 143 15.86 17.91 -9.75
CA ALA A 143 15.03 19.11 -9.63
C ALA A 143 14.69 19.46 -8.16
N ASN A 144 14.78 18.46 -7.25
CA ASN A 144 14.48 18.70 -5.84
C ASN A 144 15.67 18.79 -4.91
N ILE A 145 16.89 18.80 -5.47
CA ILE A 145 18.12 19.00 -4.70
C ILE A 145 18.61 20.38 -5.13
N LEU A 146 18.50 21.32 -4.22
CA LEU A 146 18.81 22.72 -4.48
C LEU A 146 20.18 23.11 -3.98
N ILE A 147 20.76 24.14 -4.63
CA ILE A 147 22.10 24.62 -4.31
C ILE A 147 22.01 26.10 -3.99
N ASN A 148 22.61 26.52 -2.87
CA ASN A 148 22.64 27.93 -2.51
C ASN A 148 23.93 28.63 -3.04
N ASP A 149 24.07 29.94 -2.81
CA ASP A 149 25.23 30.71 -3.32
C ASP A 149 26.57 30.26 -2.75
N ALA A 150 26.58 29.53 -1.63
CA ALA A 150 27.82 29.00 -1.05
C ALA A 150 28.19 27.61 -1.58
N GLY A 151 27.40 27.03 -2.49
CA GLY A 151 27.66 25.70 -3.00
C GLY A 151 27.16 24.61 -2.05
N GLU A 152 26.31 24.97 -1.08
CA GLU A 152 25.71 24.06 -0.12
C GLU A 152 24.43 23.43 -0.66
N VAL A 153 24.12 22.21 -0.20
CA VAL A 153 23.02 21.40 -0.72
C VAL A 153 21.82 21.34 0.22
N ARG A 154 20.58 21.55 -0.30
CA ARG A 154 19.35 21.47 0.50
C ARG A 154 18.29 20.61 -0.26
N LEU A 155 17.67 19.66 0.42
CA LEU A 155 16.56 18.88 -0.14
C LEU A 155 15.29 19.73 -0.05
N ALA A 156 14.46 19.64 -1.06
CA ALA A 156 13.19 20.34 -1.07
C ALA A 156 12.07 19.41 -1.59
N ASP A 157 10.83 19.86 -1.47
CA ASP A 157 9.63 19.28 -2.02
C ASP A 157 9.13 18.03 -1.32
N PHE A 158 8.36 18.26 -0.29
CA PHE A 158 7.72 17.18 0.43
C PHE A 158 6.27 16.99 -0.06
N GLY A 159 5.97 17.44 -1.30
CA GLY A 159 4.62 17.35 -1.83
C GLY A 159 4.12 15.93 -1.91
N ILE A 160 4.94 15.03 -2.52
CA ILE A 160 4.58 13.61 -2.66
C ILE A 160 4.57 12.95 -1.27
N SER A 161 5.54 13.28 -0.42
CA SER A 161 5.61 12.73 0.94
C SER A 161 4.26 13.02 1.68
N ALA A 162 3.76 14.27 1.57
CA ALA A 162 2.48 14.68 2.19
C ALA A 162 1.27 13.98 1.56
N GLN A 163 1.29 13.81 0.23
CA GLN A 163 0.22 13.08 -0.46
C GLN A 163 0.15 11.65 0.00
N ILE A 164 1.31 11.01 0.18
CA ILE A 164 1.36 9.62 0.66
C ILE A 164 0.89 9.53 2.11
N GLY A 165 1.30 10.49 2.94
CA GLY A 165 0.89 10.51 4.34
C GLY A 165 -0.63 10.64 4.47
N ALA A 166 -1.21 11.46 3.62
CA ALA A 166 -2.65 11.68 3.63
C ALA A 166 -3.37 10.42 3.16
N GLU A 167 -2.84 9.80 2.09
CA GLU A 167 -3.39 8.55 1.53
C GLU A 167 -3.38 7.43 2.57
N LEU A 168 -2.23 7.22 3.23
CA LEU A 168 -2.12 6.16 4.24
C LEU A 168 -2.96 6.42 5.49
N ALA A 169 -3.11 7.68 5.92
CA ALA A 169 -3.97 7.99 7.07
C ALA A 169 -5.45 7.70 6.76
N ARG A 170 -5.92 8.08 5.56
CA ARG A 170 -7.30 7.80 5.16
C ARG A 170 -7.54 6.32 4.92
N ARG A 171 -6.52 5.62 4.42
CA ARG A 171 -6.61 4.19 4.16
C ARG A 171 -7.01 3.38 5.39
N LEU A 172 -6.51 3.79 6.57
CA LEU A 172 -6.88 3.16 7.84
C LEU A 172 -8.39 3.16 8.07
N GLU A 173 -9.13 4.15 7.54
CA GLU A 173 -10.60 4.21 7.67
C GLU A 173 -11.33 3.10 6.89
N PHE A 174 -10.67 2.47 5.91
CA PHE A 174 -11.33 1.52 5.01
C PHE A 174 -10.87 0.06 5.07
N ILE A 175 -9.77 -0.21 5.76
CA ILE A 175 -9.10 -1.51 5.82
C ILE A 175 -9.87 -2.57 6.63
N GLY A 176 -10.64 -2.14 7.61
CA GLY A 176 -11.38 -3.07 8.45
C GLY A 176 -10.49 -3.82 9.41
N THR A 177 -10.98 -4.97 9.92
CA THR A 177 -10.27 -5.76 10.89
C THR A 177 -8.98 -6.41 10.31
N PRO A 178 -7.90 -6.46 11.11
CA PRO A 178 -6.63 -6.97 10.59
C PRO A 178 -6.24 -8.41 10.93
N TYR A 179 -6.88 -9.03 11.91
CA TYR A 179 -6.47 -10.32 12.48
C TYR A 179 -6.25 -11.46 11.49
N TRP A 180 -6.99 -11.49 10.35
CA TRP A 180 -6.79 -12.57 9.36
C TRP A 180 -5.85 -12.18 8.21
N MET A 181 -5.33 -10.93 8.20
CA MET A 181 -4.46 -10.45 7.12
C MET A 181 -3.10 -11.05 7.14
N ALA A 182 -2.60 -11.43 5.96
CA ALA A 182 -1.23 -11.86 5.80
C ALA A 182 -0.33 -10.64 6.01
N PRO A 183 0.90 -10.85 6.49
CA PRO A 183 1.80 -9.70 6.72
C PRO A 183 2.02 -8.81 5.51
N GLU A 184 2.01 -9.36 4.28
CA GLU A 184 2.18 -8.54 3.08
C GLU A 184 0.93 -7.67 2.79
N VAL A 185 -0.26 -8.09 3.25
CA VAL A 185 -1.52 -7.32 3.09
C VAL A 185 -1.50 -6.18 4.12
N ALA A 186 -1.08 -6.48 5.37
CA ALA A 186 -0.93 -5.49 6.44
C ALA A 186 0.08 -4.40 6.04
N ALA A 187 1.19 -4.78 5.34
CA ALA A 187 2.20 -3.82 4.89
C ALA A 187 1.63 -2.83 3.88
N VAL A 188 0.74 -3.28 2.99
CA VAL A 188 0.13 -2.38 2.00
C VAL A 188 -0.85 -1.44 2.72
N ALA A 189 -1.73 -2.00 3.57
CA ALA A 189 -2.73 -1.22 4.30
C ALA A 189 -2.09 -0.14 5.18
N LEU A 190 -0.96 -0.45 5.84
CA LEU A 190 -0.31 0.47 6.76
C LEU A 190 0.79 1.33 6.15
N LYS A 191 1.65 0.75 5.34
CA LYS A 191 2.83 1.44 4.83
C LYS A 191 2.92 1.60 3.33
N GLY A 192 1.92 1.14 2.60
CA GLY A 192 1.98 1.21 1.15
C GLY A 192 2.85 0.14 0.51
N GLY A 193 3.32 -0.84 1.27
CA GLY A 193 4.04 -1.98 0.72
C GLY A 193 5.53 -1.79 0.49
N TYR A 194 6.07 -0.67 0.99
CA TYR A 194 7.51 -0.40 0.86
C TYR A 194 7.97 0.49 2.04
N ASN A 195 9.30 0.81 2.11
CA ASN A 195 9.82 1.59 3.22
C ASN A 195 10.78 2.69 2.71
N GLU A 196 11.42 3.37 3.65
CA GLU A 196 12.33 4.49 3.41
C GLU A 196 13.53 4.16 2.48
N LEU A 197 13.87 2.88 2.29
CA LEU A 197 14.97 2.51 1.40
C LEU A 197 14.70 2.86 -0.08
N CYS A 198 13.43 3.19 -0.42
CA CYS A 198 13.08 3.68 -1.76
C CYS A 198 13.88 4.97 -2.05
N ASP A 199 14.15 5.81 -1.01
CA ASP A 199 14.91 7.06 -1.20
C ASP A 199 16.39 6.82 -1.62
N ILE A 200 16.96 5.71 -1.13
CA ILE A 200 18.36 5.36 -1.44
C ILE A 200 18.43 4.99 -2.91
N TRP A 201 17.44 4.20 -3.42
CA TRP A 201 17.39 3.91 -4.86
C TRP A 201 17.31 5.23 -5.67
N SER A 202 16.43 6.16 -5.26
CA SER A 202 16.24 7.42 -5.96
C SER A 202 17.54 8.23 -6.03
N LEU A 203 18.33 8.20 -4.92
CA LEU A 203 19.61 8.91 -4.91
C LEU A 203 20.58 8.28 -5.93
N GLY A 204 20.59 6.96 -6.06
CA GLY A 204 21.42 6.28 -7.05
C GLY A 204 21.04 6.68 -8.48
N ILE A 205 19.73 6.77 -8.75
CA ILE A 205 19.26 7.23 -10.06
C ILE A 205 19.69 8.70 -10.27
N THR A 206 19.59 9.53 -9.22
CA THR A 206 20.01 10.92 -9.26
C THR A 206 21.51 11.07 -9.56
N ALA A 207 22.34 10.15 -9.06
CA ALA A 207 23.78 10.18 -9.36
C ALA A 207 24.02 9.90 -10.85
N ILE A 208 23.22 9.01 -11.44
CA ILE A 208 23.29 8.75 -12.89
C ILE A 208 22.83 9.99 -13.64
N GLU A 209 21.76 10.64 -13.16
CA GLU A 209 21.19 11.84 -13.74
C GLU A 209 22.20 12.98 -13.76
N LEU A 210 22.95 13.17 -12.67
CA LEU A 210 23.95 14.22 -12.62
C LEU A 210 25.15 13.88 -13.55
N ALA A 211 25.41 12.59 -13.78
CA ALA A 211 26.48 12.16 -14.67
C ALA A 211 26.07 12.14 -16.17
N GLU A 212 24.78 11.92 -16.49
CA GLU A 212 24.32 11.77 -17.87
C GLU A 212 23.24 12.75 -18.34
N LEU A 213 22.90 13.75 -17.50
CA LEU A 213 21.91 14.82 -17.77
C LEU A 213 20.46 14.34 -17.80
N GLN A 214 20.22 13.05 -17.54
CA GLN A 214 18.88 12.50 -17.49
C GLN A 214 18.90 11.14 -16.79
N PRO A 215 17.80 10.75 -16.14
CA PRO A 215 17.74 9.41 -15.56
C PRO A 215 17.70 8.35 -16.66
N PRO A 216 17.99 7.07 -16.34
CA PRO A 216 17.86 6.02 -17.35
C PRO A 216 16.41 5.93 -17.87
N LEU A 217 16.23 5.56 -19.15
CA LEU A 217 14.91 5.43 -19.77
C LEU A 217 14.10 6.74 -19.82
N PHE A 218 14.73 7.90 -19.66
CA PHE A 218 14.01 9.17 -19.61
C PHE A 218 13.10 9.42 -20.83
N ASP A 219 13.47 8.92 -22.03
CA ASP A 219 12.61 9.12 -23.22
C ASP A 219 11.66 7.95 -23.50
N VAL A 220 11.40 7.11 -22.48
CA VAL A 220 10.44 6.02 -22.54
C VAL A 220 9.20 6.51 -21.78
N HIS A 221 8.00 6.19 -22.25
CA HIS A 221 6.75 6.64 -21.64
C HIS A 221 6.64 6.19 -20.19
N PRO A 222 6.16 7.07 -19.29
CA PRO A 222 6.07 6.70 -17.87
C PRO A 222 5.40 5.36 -17.53
N LEU A 223 4.22 5.06 -18.10
CA LEU A 223 3.53 3.79 -17.85
C LEU A 223 4.37 2.61 -18.36
N ARG A 224 5.04 2.78 -19.48
CA ARG A 224 5.91 1.73 -20.01
C ARG A 224 7.13 1.54 -19.11
N VAL A 225 7.68 2.62 -18.52
CA VAL A 225 8.82 2.51 -17.58
C VAL A 225 8.37 1.68 -16.37
N LEU A 226 7.15 1.93 -15.86
CA LEU A 226 6.59 1.14 -14.75
C LEU A 226 6.50 -0.35 -15.12
N PHE A 227 6.00 -0.62 -16.33
CA PHE A 227 5.86 -1.96 -16.90
C PHE A 227 7.26 -2.65 -16.97
N LEU A 228 8.25 -1.97 -17.58
CA LEU A 228 9.61 -2.48 -17.72
C LEU A 228 10.22 -2.81 -16.34
N MET A 229 10.02 -1.91 -15.35
CA MET A 229 10.56 -2.10 -14.00
C MET A 229 9.96 -3.25 -13.21
N THR A 230 8.75 -3.68 -13.58
CA THR A 230 8.09 -4.77 -12.88
C THR A 230 8.24 -6.14 -13.56
N LYS A 231 8.85 -6.20 -14.77
CA LYS A 231 9.10 -7.47 -15.43
C LYS A 231 10.11 -8.27 -14.59
N SER A 232 9.95 -9.59 -14.53
CA SER A 232 10.79 -10.48 -13.71
C SER A 232 12.31 -10.34 -13.98
N GLY A 233 12.68 -10.25 -15.25
CA GLY A 233 14.08 -10.14 -15.62
C GLY A 233 14.68 -8.75 -15.57
N TYR A 234 14.00 -7.82 -14.87
CA TYR A 234 14.49 -6.45 -14.75
C TYR A 234 15.83 -6.36 -14.02
N GLN A 235 16.74 -5.56 -14.57
CA GLN A 235 18.06 -5.37 -13.99
C GLN A 235 18.27 -3.89 -13.69
N PRO A 236 18.90 -3.59 -12.56
CA PRO A 236 19.17 -2.18 -12.22
C PRO A 236 20.04 -1.50 -13.25
N PRO A 237 19.77 -0.22 -13.53
CA PRO A 237 20.56 0.48 -14.55
C PRO A 237 21.98 0.78 -14.12
N ARG A 238 22.85 0.98 -15.10
CA ARG A 238 24.27 1.27 -14.91
C ARG A 238 24.66 2.55 -15.64
N LEU A 239 25.83 3.11 -15.29
CA LEU A 239 26.37 4.26 -16.01
C LEU A 239 26.74 3.77 -17.42
N LYS A 240 26.37 4.52 -18.43
CA LYS A 240 26.61 4.13 -19.82
C LYS A 240 28.13 4.02 -20.12
N GLU A 241 28.91 5.05 -19.80
CA GLU A 241 30.35 5.00 -20.03
C GLU A 241 31.08 4.34 -18.87
N LYS A 242 31.84 3.27 -19.13
CA LYS A 242 32.56 2.58 -18.04
C LYS A 242 33.85 3.32 -17.65
N GLY A 243 34.76 3.48 -18.62
CA GLY A 243 36.08 4.10 -18.44
C GLY A 243 36.15 5.50 -17.85
N LYS A 244 35.10 6.31 -18.02
CA LYS A 244 35.09 7.69 -17.51
C LYS A 244 35.02 7.78 -15.98
N TRP A 245 34.35 6.81 -15.34
CA TRP A 245 34.15 6.85 -13.89
C TRP A 245 34.99 5.87 -13.12
N SER A 246 35.40 6.25 -11.91
CA SER A 246 36.16 5.37 -11.04
C SER A 246 35.34 4.16 -10.58
N ALA A 247 36.03 3.11 -10.17
CA ALA A 247 35.39 1.90 -9.65
C ALA A 247 34.55 2.19 -8.39
N ALA A 248 34.84 3.30 -7.66
CA ALA A 248 34.09 3.65 -6.47
C ALA A 248 32.72 4.23 -6.85
N PHE A 249 32.65 5.01 -7.95
CA PHE A 249 31.39 5.59 -8.43
C PHE A 249 30.51 4.48 -9.02
N HIS A 250 31.12 3.54 -9.78
CA HIS A 250 30.39 2.38 -10.31
C HIS A 250 29.82 1.54 -9.20
N ASN A 251 30.57 1.35 -8.13
CA ASN A 251 30.12 0.58 -6.99
C ASN A 251 29.05 1.34 -6.19
N PHE A 252 29.17 2.67 -6.06
CA PHE A 252 28.16 3.47 -5.32
C PHE A 252 26.79 3.30 -6.02
N ILE A 253 26.79 3.32 -7.36
CA ILE A 253 25.58 3.12 -8.13
C ILE A 253 25.05 1.73 -7.91
N LYS A 254 25.94 0.73 -7.95
CA LYS A 254 25.55 -0.65 -7.78
C LYS A 254 24.87 -0.93 -6.44
N VAL A 255 25.40 -0.39 -5.33
CA VAL A 255 24.82 -0.73 -4.02
C VAL A 255 23.55 0.15 -3.76
N THR A 256 23.54 1.44 -4.14
CA THR A 256 22.29 2.25 -3.95
C THR A 256 21.14 1.68 -4.83
N LEU A 257 21.49 1.12 -5.99
CA LEU A 257 20.54 0.51 -6.91
C LEU A 257 20.42 -0.99 -6.70
N THR A 258 20.48 -1.45 -5.46
CA THR A 258 20.28 -2.86 -5.14
C THR A 258 18.78 -3.14 -5.38
N LYS A 259 18.44 -4.12 -6.22
CA LYS A 259 17.05 -4.41 -6.55
C LYS A 259 16.21 -4.75 -5.31
N SER A 260 16.67 -5.69 -4.48
CA SER A 260 15.96 -6.09 -3.29
C SER A 260 16.09 -5.05 -2.18
N PRO A 261 14.97 -4.54 -1.66
CA PRO A 261 15.06 -3.55 -0.56
C PRO A 261 15.59 -4.13 0.75
N LYS A 262 15.47 -5.45 0.96
CA LYS A 262 15.98 -6.09 2.17
C LYS A 262 17.52 -5.98 2.23
N LYS A 263 18.20 -5.86 1.07
CA LYS A 263 19.66 -5.75 1.02
C LYS A 263 20.18 -4.35 0.66
N ARG A 264 19.28 -3.40 0.37
CA ARG A 264 19.71 -2.05 0.01
C ARG A 264 20.08 -1.32 1.30
N PRO A 265 21.30 -0.77 1.42
CA PRO A 265 21.69 -0.18 2.71
C PRO A 265 20.96 1.11 3.08
N SER A 266 20.85 1.39 4.38
CA SER A 266 20.24 2.61 4.92
C SER A 266 21.10 3.83 4.57
N ALA A 267 20.54 5.04 4.73
CA ALA A 267 21.26 6.28 4.50
C ALA A 267 22.49 6.37 5.46
N THR A 268 22.30 6.04 6.75
CA THR A 268 23.41 6.03 7.73
C THR A 268 24.52 5.09 7.26
N LYS A 269 24.16 3.88 6.83
CA LYS A 269 25.14 2.93 6.32
C LYS A 269 25.83 3.42 5.05
N MET A 270 25.10 4.00 4.08
CA MET A 270 25.69 4.52 2.85
C MET A 270 26.72 5.64 3.12
N LEU A 271 26.60 6.36 4.23
CA LEU A 271 27.56 7.41 4.58
C LEU A 271 28.99 6.86 4.83
N SER A 272 29.13 5.53 5.04
CA SER A 272 30.43 4.89 5.18
C SER A 272 31.01 4.44 3.85
N HIS A 273 30.28 4.54 2.73
CA HIS A 273 30.78 4.11 1.44
C HIS A 273 32.00 4.98 1.04
N GLN A 274 32.98 4.36 0.38
CA GLN A 274 34.21 5.03 -0.06
C GLN A 274 33.94 6.32 -0.85
N LEU A 275 32.99 6.29 -1.82
CA LEU A 275 32.71 7.46 -2.64
C LEU A 275 32.33 8.71 -1.84
N VAL A 276 31.51 8.56 -0.78
CA VAL A 276 31.06 9.72 -0.02
C VAL A 276 31.84 9.98 1.25
N SER A 277 32.79 9.10 1.62
CA SER A 277 33.59 9.29 2.83
C SER A 277 35.02 9.80 2.53
N GLN A 278 35.40 9.91 1.23
CA GLN A 278 36.69 10.44 0.78
C GLN A 278 36.94 11.86 1.26
N PRO A 279 38.21 12.21 1.53
CA PRO A 279 38.49 13.49 2.19
C PRO A 279 38.30 14.83 1.42
N GLY A 280 38.35 14.86 0.10
CA GLY A 280 38.27 16.14 -0.61
C GLY A 280 36.89 16.69 -0.94
N LEU A 281 35.85 16.29 -0.17
CA LEU A 281 34.48 16.71 -0.50
C LEU A 281 34.01 17.90 0.32
N ASN A 282 33.85 19.03 -0.34
CA ASN A 282 33.43 20.26 0.31
C ASN A 282 32.69 21.17 -0.68
N ARG A 283 32.02 22.19 -0.18
CA ARG A 283 31.23 23.09 -1.02
C ARG A 283 32.04 23.75 -2.17
N GLY A 284 33.37 23.76 -2.06
CA GLY A 284 34.24 24.37 -3.06
C GLY A 284 34.12 23.72 -4.41
N LEU A 285 33.79 22.43 -4.44
CA LEU A 285 33.59 21.70 -5.69
C LEU A 285 32.38 22.25 -6.43
N ILE A 286 31.32 22.59 -5.71
CA ILE A 286 30.11 23.14 -6.33
C ILE A 286 30.31 24.59 -6.70
N LEU A 287 31.10 25.35 -5.90
CA LEU A 287 31.48 26.71 -6.26
C LEU A 287 32.21 26.70 -7.61
N ASP A 288 33.04 25.68 -7.87
CA ASP A 288 33.68 25.50 -9.20
C ASP A 288 32.61 25.27 -10.30
N LEU A 289 31.61 24.42 -10.02
CA LEU A 289 30.52 24.15 -10.95
C LEU A 289 29.76 25.43 -11.28
N LEU A 290 29.49 26.27 -10.27
CA LEU A 290 28.77 27.53 -10.42
C LEU A 290 29.58 28.55 -11.22
N ASP A 291 30.92 28.51 -11.11
CA ASP A 291 31.77 29.38 -11.91
C ASP A 291 31.62 28.98 -13.40
N LYS A 292 31.53 27.67 -13.69
CA LYS A 292 31.34 27.14 -15.04
C LYS A 292 29.98 27.61 -15.60
N LEU A 293 28.94 27.63 -14.74
CA LEU A 293 27.58 28.08 -15.04
C LEU A 293 27.63 29.51 -15.62
N LYS A 294 28.47 30.39 -15.03
CA LYS A 294 28.60 31.76 -15.54
C LYS A 294 29.46 31.82 -16.81
N ILE B 10 -29.33 -9.08 -15.03
CA ILE B 10 -29.93 -8.54 -13.82
C ILE B 10 -31.43 -8.32 -14.05
N PHE B 11 -32.27 -8.76 -13.11
CA PHE B 11 -33.71 -8.59 -13.24
C PHE B 11 -34.07 -7.16 -12.91
N ASN B 12 -34.92 -6.55 -13.74
CA ASN B 12 -35.41 -5.20 -13.47
C ASN B 12 -36.81 -5.37 -12.92
N ARG B 13 -36.89 -5.93 -11.72
CA ARG B 13 -38.16 -6.14 -11.07
C ARG B 13 -37.99 -6.21 -9.56
N ASP B 14 -39.07 -5.96 -8.82
CA ASP B 14 -39.08 -5.99 -7.37
C ASP B 14 -38.86 -7.45 -6.95
N PRO B 15 -37.80 -7.76 -6.19
CA PRO B 15 -37.59 -9.16 -5.79
C PRO B 15 -38.74 -9.71 -4.95
N ARG B 16 -39.53 -8.82 -4.29
CA ARG B 16 -40.73 -9.20 -3.53
C ARG B 16 -41.78 -9.89 -4.40
N ASP B 17 -41.65 -9.83 -5.73
CA ASP B 17 -42.57 -10.52 -6.63
C ASP B 17 -42.25 -12.01 -6.73
N HIS B 18 -40.98 -12.39 -6.56
CA HIS B 18 -40.53 -13.78 -6.61
C HIS B 18 -40.25 -14.34 -5.20
N TYR B 19 -40.09 -13.47 -4.17
CA TYR B 19 -39.73 -13.91 -2.82
C TYR B 19 -40.51 -13.19 -1.73
N ASP B 20 -40.72 -13.90 -0.62
CA ASP B 20 -41.32 -13.32 0.57
C ASP B 20 -40.14 -13.13 1.53
N LEU B 21 -39.88 -11.89 1.96
CA LEU B 21 -38.80 -11.63 2.91
C LEU B 21 -39.21 -12.18 4.26
N LEU B 22 -38.34 -12.97 4.89
CA LEU B 22 -38.69 -13.63 6.15
C LEU B 22 -38.05 -13.06 7.41
N GLN B 23 -36.72 -12.88 7.39
CA GLN B 23 -36.02 -12.50 8.60
C GLN B 23 -34.67 -11.92 8.25
N ARG B 24 -34.32 -10.78 8.86
CA ARG B 24 -33.02 -10.18 8.65
C ARG B 24 -32.01 -11.02 9.40
N LEU B 25 -31.02 -11.55 8.69
CA LEU B 25 -29.99 -12.37 9.29
C LEU B 25 -28.85 -11.54 9.88
N GLY B 26 -28.55 -10.41 9.27
CA GLY B 26 -27.47 -9.55 9.70
C GLY B 26 -27.22 -8.38 8.78
N GLY B 27 -26.19 -7.63 9.11
CA GLY B 27 -25.83 -6.44 8.37
C GLY B 27 -24.42 -5.98 8.66
N GLY B 28 -23.96 -5.06 7.84
CA GLY B 28 -22.62 -4.52 7.95
C GLY B 28 -22.40 -3.40 6.96
N THR B 29 -21.12 -3.11 6.67
CA THR B 29 -20.76 -2.07 5.72
C THR B 29 -21.30 -2.35 4.30
N TYR B 30 -21.54 -3.63 3.99
CA TYR B 30 -22.06 -4.03 2.67
C TYR B 30 -23.57 -3.82 2.50
N GLY B 31 -24.29 -3.61 3.59
CA GLY B 31 -25.74 -3.52 3.55
C GLY B 31 -26.34 -4.56 4.47
N GLU B 32 -27.29 -5.40 3.98
CA GLU B 32 -27.94 -6.40 4.84
C GLU B 32 -28.12 -7.75 4.15
N VAL B 33 -28.28 -8.83 4.92
CA VAL B 33 -28.59 -10.14 4.34
C VAL B 33 -29.93 -10.59 4.96
N PHE B 34 -30.88 -10.95 4.12
CA PHE B 34 -32.18 -11.42 4.59
C PHE B 34 -32.39 -12.88 4.18
N LYS B 35 -33.18 -13.57 4.97
CA LYS B 35 -33.63 -14.91 4.65
C LYS B 35 -34.91 -14.67 3.86
N ALA B 36 -35.11 -15.37 2.74
CA ALA B 36 -36.32 -15.22 1.92
C ALA B 36 -36.79 -16.57 1.35
N ARG B 37 -38.06 -16.67 0.98
CA ARG B 37 -38.60 -17.92 0.44
C ARG B 37 -39.17 -17.69 -0.96
N ASP B 38 -38.87 -18.58 -1.89
CA ASP B 38 -39.37 -18.58 -3.26
C ASP B 38 -40.90 -18.73 -3.21
N LYS B 39 -41.63 -17.86 -3.93
CA LYS B 39 -43.08 -17.83 -3.88
C LYS B 39 -43.77 -19.01 -4.59
N VAL B 40 -43.05 -19.73 -5.46
CA VAL B 40 -43.65 -20.87 -6.15
C VAL B 40 -43.01 -22.21 -5.72
N SER B 41 -41.67 -22.28 -5.64
CA SER B 41 -40.99 -23.52 -5.26
C SER B 41 -40.92 -23.73 -3.74
N GLY B 42 -40.92 -22.64 -2.97
CA GLY B 42 -40.82 -22.72 -1.52
C GLY B 42 -39.41 -22.82 -1.00
N ASP B 43 -38.41 -22.94 -1.89
CA ASP B 43 -37.00 -23.03 -1.51
C ASP B 43 -36.56 -21.73 -0.82
N LEU B 44 -35.65 -21.85 0.13
CA LEU B 44 -35.17 -20.67 0.86
C LEU B 44 -33.93 -20.12 0.17
N VAL B 45 -33.79 -18.79 0.18
CA VAL B 45 -32.62 -18.10 -0.39
C VAL B 45 -32.17 -16.98 0.59
N ALA B 46 -30.94 -16.52 0.39
CA ALA B 46 -30.41 -15.38 1.13
C ALA B 46 -30.37 -14.25 0.10
N LEU B 47 -30.85 -13.08 0.49
CA LEU B 47 -30.84 -11.92 -0.38
C LEU B 47 -29.93 -10.91 0.29
N LYS B 48 -28.82 -10.54 -0.35
CA LYS B 48 -27.91 -9.52 0.14
C LYS B 48 -28.35 -8.23 -0.53
N MET B 49 -28.79 -7.23 0.24
CA MET B 49 -29.31 -6.01 -0.32
C MET B 49 -28.43 -4.82 -0.02
N VAL B 50 -28.27 -3.93 -1.02
CA VAL B 50 -27.52 -2.67 -0.89
C VAL B 50 -28.37 -1.56 -1.49
N LYS B 51 -28.53 -0.44 -0.76
CA LYS B 51 -29.25 0.72 -1.27
C LYS B 51 -28.20 1.57 -2.00
N MET B 52 -28.45 1.86 -3.26
CA MET B 52 -27.53 2.63 -4.07
C MET B 52 -27.89 4.11 -4.01
N GLU B 53 -26.92 4.94 -3.64
CA GLU B 53 -27.15 6.38 -3.60
C GLU B 53 -27.02 6.93 -5.05
N PRO B 54 -27.60 8.11 -5.36
CA PRO B 54 -27.54 8.60 -6.75
C PRO B 54 -26.16 8.75 -7.38
N ASP B 55 -25.15 9.18 -6.59
CA ASP B 55 -23.81 9.40 -7.16
C ASP B 55 -22.85 8.21 -7.07
N ASP B 56 -23.25 7.10 -6.43
CA ASP B 56 -22.38 5.93 -6.29
C ASP B 56 -21.86 5.34 -7.59
N ASP B 57 -20.64 4.77 -7.54
CA ASP B 57 -20.08 4.05 -8.67
C ASP B 57 -20.49 2.58 -8.44
N VAL B 58 -21.23 1.99 -9.35
CA VAL B 58 -21.78 0.63 -9.24
C VAL B 58 -20.82 -0.46 -9.81
N SER B 59 -19.66 -0.07 -10.35
CA SER B 59 -18.69 -0.97 -10.95
C SER B 59 -18.28 -2.13 -10.04
N THR B 60 -17.95 -1.84 -8.77
CA THR B 60 -17.50 -2.91 -7.86
C THR B 60 -18.66 -3.85 -7.46
N LEU B 61 -19.89 -3.35 -7.42
CA LEU B 61 -21.06 -4.19 -7.12
C LEU B 61 -21.34 -5.12 -8.30
N GLN B 62 -21.20 -4.60 -9.52
CA GLN B 62 -21.38 -5.41 -10.73
C GLN B 62 -20.29 -6.49 -10.81
N LYS B 63 -19.05 -6.15 -10.37
CA LYS B 63 -17.95 -7.13 -10.38
C LYS B 63 -18.26 -8.24 -9.36
N GLU B 64 -18.79 -7.87 -8.19
CA GLU B 64 -19.17 -8.88 -7.18
C GLU B 64 -20.21 -9.86 -7.75
N ILE B 65 -21.22 -9.35 -8.48
CA ILE B 65 -22.24 -10.22 -9.10
C ILE B 65 -21.58 -11.11 -10.17
N LEU B 66 -20.70 -10.52 -10.98
CA LEU B 66 -19.98 -11.23 -12.04
C LEU B 66 -19.14 -12.39 -11.46
N ILE B 67 -18.43 -12.17 -10.35
CA ILE B 67 -17.65 -13.22 -9.69
C ILE B 67 -18.57 -14.37 -9.28
N LEU B 68 -19.69 -14.05 -8.62
CA LEU B 68 -20.62 -15.08 -8.17
C LEU B 68 -21.25 -15.84 -9.33
N LYS B 69 -21.55 -15.13 -10.43
CA LYS B 69 -22.20 -15.73 -11.58
C LYS B 69 -21.25 -16.63 -12.35
N THR B 70 -20.00 -16.20 -12.51
CA THR B 70 -18.99 -16.92 -13.30
C THR B 70 -18.33 -18.07 -12.52
N CYS B 71 -18.38 -18.04 -11.17
CA CYS B 71 -17.85 -19.14 -10.37
C CYS B 71 -18.72 -20.36 -10.58
N ARG B 72 -18.13 -21.43 -11.07
CA ARG B 72 -18.84 -22.68 -11.26
C ARG B 72 -18.08 -23.63 -10.39
N HIS B 73 -18.30 -23.54 -9.05
CA HIS B 73 -17.58 -24.42 -8.13
C HIS B 73 -18.38 -24.82 -6.90
N ALA B 74 -18.34 -26.11 -6.54
CA ALA B 74 -19.09 -26.63 -5.41
C ALA B 74 -18.69 -26.04 -4.05
N ASN B 75 -17.51 -25.40 -3.94
CA ASN B 75 -17.11 -24.78 -2.68
C ASN B 75 -17.25 -23.26 -2.67
N ILE B 76 -18.05 -22.71 -3.58
CA ILE B 76 -18.36 -21.27 -3.56
C ILE B 76 -19.90 -21.18 -3.52
N VAL B 77 -20.46 -20.25 -2.70
CA VAL B 77 -21.92 -20.11 -2.55
C VAL B 77 -22.64 -20.03 -3.88
N ALA B 78 -23.73 -20.75 -3.98
CA ALA B 78 -24.54 -20.80 -5.18
C ALA B 78 -25.19 -19.46 -5.43
N TYR B 79 -25.25 -19.07 -6.67
CA TYR B 79 -25.81 -17.79 -7.07
C TYR B 79 -27.07 -18.04 -7.89
N HIS B 80 -28.14 -17.29 -7.62
CA HIS B 80 -29.40 -17.50 -8.35
C HIS B 80 -29.68 -16.40 -9.34
N GLY B 81 -29.36 -15.18 -8.97
CA GLY B 81 -29.64 -14.02 -9.81
C GLY B 81 -29.55 -12.77 -8.97
N SER B 82 -29.75 -11.62 -9.61
CA SER B 82 -29.69 -10.34 -8.93
C SER B 82 -30.86 -9.46 -9.39
N TYR B 83 -31.31 -8.55 -8.55
CA TYR B 83 -32.44 -7.70 -8.88
C TYR B 83 -32.05 -6.27 -8.67
N LEU B 84 -32.44 -5.39 -9.60
CA LEU B 84 -32.20 -3.98 -9.46
C LEU B 84 -33.55 -3.30 -9.55
N TRP B 85 -34.01 -2.70 -8.45
CA TRP B 85 -35.35 -2.07 -8.44
C TRP B 85 -35.35 -0.87 -7.54
N LEU B 86 -35.69 0.31 -8.11
CA LEU B 86 -35.77 1.55 -7.36
C LEU B 86 -34.51 1.84 -6.54
N GLN B 87 -33.37 1.59 -7.17
CA GLN B 87 -32.03 1.82 -6.66
C GLN B 87 -31.65 0.94 -5.45
N LYS B 88 -32.30 -0.23 -5.34
CA LYS B 88 -31.90 -1.21 -4.36
C LYS B 88 -31.37 -2.37 -5.18
N LEU B 89 -30.20 -2.91 -4.80
CA LEU B 89 -29.62 -4.04 -5.54
C LEU B 89 -29.68 -5.25 -4.62
N TRP B 90 -30.30 -6.32 -5.08
CA TRP B 90 -30.49 -7.51 -4.27
C TRP B 90 -29.72 -8.67 -4.92
N ILE B 91 -28.76 -9.30 -4.24
CA ILE B 91 -28.03 -10.42 -4.82
C ILE B 91 -28.60 -11.68 -4.18
N CYS B 92 -29.17 -12.58 -4.99
CA CYS B 92 -29.84 -13.77 -4.50
C CYS B 92 -28.93 -14.97 -4.53
N MET B 93 -28.78 -15.59 -3.37
CA MET B 93 -27.84 -16.69 -3.19
C MET B 93 -28.47 -17.83 -2.40
N GLU B 94 -27.75 -18.96 -2.27
CA GLU B 94 -28.30 -20.05 -1.47
C GLU B 94 -28.37 -19.67 -0.01
N PHE B 95 -29.47 -20.07 0.66
CA PHE B 95 -29.67 -19.82 2.09
C PHE B 95 -29.02 -20.95 2.84
N CYS B 96 -28.20 -20.63 3.81
CA CYS B 96 -27.52 -21.64 4.63
C CYS B 96 -28.17 -21.64 6.01
N GLY B 97 -28.88 -22.72 6.32
CA GLY B 97 -29.64 -22.87 7.56
C GLY B 97 -28.85 -22.71 8.83
N ALA B 98 -27.63 -23.21 8.85
CA ALA B 98 -26.73 -23.12 10.01
C ALA B 98 -25.90 -21.81 10.05
N GLY B 99 -25.82 -21.12 8.92
CA GLY B 99 -25.05 -19.88 8.85
C GLY B 99 -23.59 -20.14 8.61
N SER B 100 -22.73 -19.27 9.12
CA SER B 100 -21.29 -19.40 8.93
C SER B 100 -20.66 -20.31 9.99
N LEU B 101 -19.38 -20.67 9.81
CA LEU B 101 -18.66 -21.44 10.81
C LEU B 101 -18.51 -20.65 12.11
N GLN B 102 -18.49 -19.29 12.04
CA GLN B 102 -18.45 -18.47 13.23
C GLN B 102 -19.79 -18.55 13.94
N ASP B 103 -20.91 -18.52 13.21
CA ASP B 103 -22.23 -18.66 13.83
C ASP B 103 -22.34 -20.04 14.52
N ILE B 104 -21.74 -21.08 13.92
CA ILE B 104 -21.74 -22.44 14.46
C ILE B 104 -20.86 -22.61 15.71
N TYR B 105 -19.55 -22.28 15.62
CA TYR B 105 -18.66 -22.48 16.76
C TYR B 105 -19.04 -21.61 17.96
N GLN B 106 -19.86 -20.55 17.75
CA GLN B 106 -20.30 -19.74 18.88
C GLN B 106 -21.26 -20.53 19.79
N VAL B 107 -21.99 -21.51 19.22
CA VAL B 107 -22.97 -22.34 19.95
C VAL B 107 -22.40 -23.73 20.29
N THR B 108 -21.67 -24.32 19.33
CA THR B 108 -21.10 -25.65 19.41
C THR B 108 -19.77 -25.71 20.16
N GLY B 109 -18.98 -24.66 20.07
CA GLY B 109 -17.64 -24.65 20.62
C GLY B 109 -16.63 -25.19 19.61
N SER B 110 -15.39 -25.35 20.05
CA SER B 110 -14.22 -25.82 19.27
C SER B 110 -14.52 -27.01 18.34
N LEU B 111 -14.11 -26.89 17.06
CA LEU B 111 -14.30 -27.99 16.11
C LEU B 111 -13.22 -29.07 16.34
N SER B 112 -13.53 -30.33 16.00
CA SER B 112 -12.55 -31.40 16.12
C SER B 112 -11.49 -31.24 15.00
N GLU B 113 -10.30 -31.81 15.18
CA GLU B 113 -9.24 -31.71 14.16
C GLU B 113 -9.70 -32.25 12.80
N LEU B 114 -10.53 -33.31 12.79
CA LEU B 114 -11.08 -33.90 11.58
C LEU B 114 -12.09 -32.98 10.92
N GLN B 115 -12.93 -32.29 11.72
CA GLN B 115 -13.89 -31.34 11.16
C GLN B 115 -13.11 -30.15 10.57
N ILE B 116 -12.06 -29.67 11.25
CA ILE B 116 -11.22 -28.57 10.74
C ILE B 116 -10.50 -29.01 9.46
N SER B 117 -10.00 -30.24 9.44
CA SER B 117 -9.28 -30.79 8.29
C SER B 117 -10.19 -30.85 7.07
N TYR B 118 -11.45 -31.26 7.29
CA TYR B 118 -12.45 -31.33 6.22
C TYR B 118 -12.74 -29.91 5.71
N VAL B 119 -12.95 -28.96 6.63
CA VAL B 119 -13.20 -27.56 6.26
C VAL B 119 -12.04 -27.00 5.47
N CYS B 120 -10.79 -27.20 5.92
CA CYS B 120 -9.60 -26.70 5.22
C CYS B 120 -9.51 -27.31 3.84
N ARG B 121 -9.82 -28.61 3.70
CA ARG B 121 -9.78 -29.24 2.37
C ARG B 121 -10.77 -28.56 1.42
N GLU B 122 -12.03 -28.37 1.89
CA GLU B 122 -13.10 -27.78 1.10
C GLU B 122 -12.75 -26.32 0.77
N VAL B 123 -12.21 -25.58 1.73
CA VAL B 123 -11.79 -24.19 1.45
C VAL B 123 -10.67 -24.15 0.44
N LEU B 124 -9.66 -25.07 0.55
CA LEU B 124 -8.56 -25.09 -0.41
C LEU B 124 -9.03 -25.44 -1.79
N GLN B 125 -10.07 -26.31 -1.92
CA GLN B 125 -10.60 -26.63 -3.26
C GLN B 125 -11.17 -25.34 -3.90
N GLY B 126 -11.92 -24.54 -3.13
CA GLY B 126 -12.48 -23.30 -3.65
C GLY B 126 -11.41 -22.28 -3.97
N LEU B 127 -10.39 -22.21 -3.10
CA LEU B 127 -9.28 -21.27 -3.32
C LEU B 127 -8.48 -21.70 -4.53
N ALA B 128 -8.28 -23.01 -4.74
CA ALA B 128 -7.53 -23.47 -5.93
C ALA B 128 -8.24 -23.06 -7.21
N TYR B 129 -9.58 -23.10 -7.19
CA TYR B 129 -10.36 -22.72 -8.35
C TYR B 129 -10.18 -21.20 -8.56
N LEU B 130 -10.32 -20.43 -7.50
CA LEU B 130 -10.23 -18.95 -7.63
C LEU B 130 -8.80 -18.54 -8.01
N HIS B 131 -7.78 -19.12 -7.35
CA HIS B 131 -6.37 -18.79 -7.61
C HIS B 131 -5.92 -19.19 -8.99
N SER B 132 -6.56 -20.22 -9.59
CA SER B 132 -6.21 -20.60 -10.96
C SER B 132 -6.53 -19.50 -11.96
N GLN B 133 -7.44 -18.58 -11.63
CA GLN B 133 -7.75 -17.44 -12.48
C GLN B 133 -7.24 -16.13 -11.87
N LYS B 134 -6.29 -16.19 -10.93
CA LYS B 134 -5.70 -15.06 -10.23
C LYS B 134 -6.76 -14.18 -9.53
N LYS B 135 -7.84 -14.83 -9.06
CA LYS B 135 -8.84 -14.17 -8.25
C LYS B 135 -8.43 -14.41 -6.82
N ILE B 136 -8.41 -13.35 -6.02
CA ILE B 136 -8.06 -13.38 -4.60
C ILE B 136 -9.33 -13.15 -3.80
N HIS B 137 -9.64 -14.04 -2.84
CA HIS B 137 -10.84 -13.84 -2.01
C HIS B 137 -10.60 -12.62 -1.09
N ARG B 138 -9.45 -12.61 -0.40
CA ARG B 138 -8.97 -11.54 0.49
C ARG B 138 -9.74 -11.39 1.79
N ASP B 139 -10.77 -12.21 2.05
CA ASP B 139 -11.49 -12.09 3.33
C ASP B 139 -11.85 -13.48 3.88
N ILE B 140 -10.89 -14.38 3.82
CA ILE B 140 -11.10 -15.74 4.35
C ILE B 140 -11.08 -15.65 5.87
N LYS B 141 -12.15 -16.16 6.50
CA LYS B 141 -12.37 -16.14 7.94
C LYS B 141 -13.62 -17.00 8.22
N GLY B 142 -13.77 -17.43 9.46
CA GLY B 142 -14.91 -18.24 9.85
C GLY B 142 -16.27 -17.67 9.50
N ALA B 143 -16.43 -16.32 9.57
CA ALA B 143 -17.69 -15.68 9.23
C ALA B 143 -18.03 -15.75 7.75
N ASN B 144 -17.04 -15.97 6.87
CA ASN B 144 -17.29 -16.03 5.44
C ASN B 144 -17.28 -17.44 4.85
N ILE B 145 -17.23 -18.48 5.71
CA ILE B 145 -17.29 -19.87 5.25
C ILE B 145 -18.63 -20.37 5.73
N LEU B 146 -19.55 -20.63 4.82
CA LEU B 146 -20.90 -21.03 5.19
C LEU B 146 -21.09 -22.52 5.09
N ILE B 147 -22.05 -23.07 5.87
CA ILE B 147 -22.33 -24.50 5.81
C ILE B 147 -23.78 -24.62 5.38
N ASN B 148 -24.03 -25.19 4.20
CA ASN B 148 -25.40 -25.27 3.68
C ASN B 148 -26.18 -26.42 4.32
N ASP B 149 -27.48 -26.53 4.02
CA ASP B 149 -28.39 -27.51 4.61
C ASP B 149 -28.00 -28.96 4.36
N ALA B 150 -27.26 -29.21 3.28
CA ALA B 150 -26.77 -30.55 2.93
C ALA B 150 -25.37 -30.87 3.53
N GLY B 151 -24.79 -29.96 4.32
CA GLY B 151 -23.48 -30.14 4.95
C GLY B 151 -22.26 -29.67 4.14
N GLU B 152 -22.48 -29.04 2.99
CA GLU B 152 -21.38 -28.58 2.17
C GLU B 152 -20.81 -27.21 2.60
N VAL B 153 -19.49 -27.09 2.49
CA VAL B 153 -18.66 -25.94 2.87
C VAL B 153 -18.60 -24.99 1.67
N ARG B 154 -19.07 -23.74 1.86
CA ARG B 154 -19.15 -22.76 0.77
C ARG B 154 -18.49 -21.47 1.14
N LEU B 155 -17.61 -20.99 0.28
CA LEU B 155 -17.03 -19.65 0.47
C LEU B 155 -18.03 -18.60 0.06
N ALA B 156 -18.12 -17.55 0.86
CA ALA B 156 -19.03 -16.46 0.56
C ALA B 156 -18.28 -15.11 0.77
N ASP B 157 -18.93 -13.99 0.34
CA ASP B 157 -18.44 -12.64 0.53
C ASP B 157 -17.24 -12.24 -0.32
N PHE B 158 -17.54 -11.86 -1.57
CA PHE B 158 -16.53 -11.33 -2.48
C PHE B 158 -16.55 -9.78 -2.47
N GLY B 159 -17.05 -9.17 -1.37
CA GLY B 159 -17.12 -7.72 -1.25
C GLY B 159 -15.78 -7.03 -1.27
N ILE B 160 -14.73 -7.62 -0.64
CA ILE B 160 -13.38 -7.01 -0.66
C ILE B 160 -12.74 -7.31 -1.99
N SER B 161 -12.79 -8.57 -2.42
CA SER B 161 -12.20 -9.03 -3.68
C SER B 161 -12.64 -8.15 -4.86
N ALA B 162 -13.94 -7.81 -4.92
CA ALA B 162 -14.51 -7.01 -5.99
C ALA B 162 -14.00 -5.57 -5.98
N GLN B 163 -13.45 -5.08 -4.88
CA GLN B 163 -12.92 -3.70 -4.82
C GLN B 163 -11.40 -3.55 -5.08
N ILE B 164 -10.65 -4.67 -5.12
CA ILE B 164 -9.21 -4.61 -5.28
C ILE B 164 -8.76 -3.86 -6.56
N GLY B 165 -9.35 -4.20 -7.69
CA GLY B 165 -8.96 -3.59 -8.97
C GLY B 165 -9.24 -2.12 -9.04
N ALA B 166 -10.43 -1.72 -8.55
CA ALA B 166 -10.77 -0.31 -8.52
C ALA B 166 -9.83 0.49 -7.60
N GLU B 167 -9.47 -0.09 -6.46
CA GLU B 167 -8.55 0.56 -5.53
C GLU B 167 -7.15 0.72 -6.12
N LEU B 168 -6.70 -0.29 -6.84
CA LEU B 168 -5.40 -0.22 -7.52
C LEU B 168 -5.43 0.89 -8.57
N ALA B 169 -6.55 1.00 -9.32
CA ALA B 169 -6.68 2.04 -10.34
C ALA B 169 -6.72 3.43 -9.71
N ARG B 170 -7.44 3.59 -8.60
CA ARG B 170 -7.49 4.90 -7.91
C ARG B 170 -6.07 5.33 -7.45
N ARG B 171 -5.33 4.37 -6.91
CA ARG B 171 -4.00 4.63 -6.36
C ARG B 171 -2.93 4.93 -7.42
N LEU B 172 -3.15 4.45 -8.64
CA LEU B 172 -2.22 4.61 -9.76
C LEU B 172 -2.21 6.05 -10.27
N GLU B 173 -3.35 6.77 -10.16
CA GLU B 173 -3.46 8.17 -10.60
C GLU B 173 -2.41 9.05 -9.92
N PHE B 174 -2.14 8.80 -8.63
CA PHE B 174 -1.21 9.52 -7.77
C PHE B 174 0.23 9.40 -8.18
N ILE B 175 0.58 8.30 -8.87
CA ILE B 175 1.95 8.02 -9.25
C ILE B 175 2.45 9.14 -10.19
N GLY B 176 3.55 9.77 -9.79
CA GLY B 176 4.13 10.82 -10.60
C GLY B 176 4.98 10.19 -11.67
N THR B 177 6.12 10.82 -11.94
CA THR B 177 7.09 10.30 -12.89
C THR B 177 7.77 9.13 -12.21
N PRO B 178 7.98 8.03 -12.94
CA PRO B 178 8.61 6.86 -12.32
C PRO B 178 10.10 6.72 -12.55
N TYR B 179 10.78 7.66 -13.24
CA TYR B 179 12.19 7.46 -13.61
C TYR B 179 13.12 7.25 -12.42
N TRP B 180 12.82 7.91 -11.30
CA TRP B 180 13.61 7.78 -10.08
C TRP B 180 13.02 6.83 -9.05
N MET B 181 11.95 6.14 -9.39
CA MET B 181 11.19 5.30 -8.52
C MET B 181 11.82 3.96 -8.34
N ALA B 182 11.89 3.50 -7.09
CA ALA B 182 12.42 2.19 -6.73
C ALA B 182 11.50 1.08 -7.30
N PRO B 183 12.09 -0.07 -7.70
CA PRO B 183 11.28 -1.13 -8.31
C PRO B 183 10.16 -1.68 -7.42
N GLU B 184 10.37 -1.68 -6.10
CA GLU B 184 9.34 -2.15 -5.19
C GLU B 184 8.15 -1.18 -5.13
N VAL B 185 8.38 0.12 -5.35
CA VAL B 185 7.31 1.11 -5.39
C VAL B 185 6.48 0.87 -6.67
N ALA B 186 7.15 0.64 -7.79
CA ALA B 186 6.51 0.38 -9.08
C ALA B 186 5.70 -0.92 -9.02
N ALA B 187 6.23 -1.94 -8.35
CA ALA B 187 5.55 -3.22 -8.23
C ALA B 187 4.27 -3.07 -7.44
N VAL B 188 4.29 -2.27 -6.37
CA VAL B 188 3.07 -2.05 -5.59
C VAL B 188 2.04 -1.26 -6.43
N ALA B 189 2.49 -0.28 -7.25
CA ALA B 189 1.60 0.52 -8.10
C ALA B 189 0.90 -0.34 -9.17
N LEU B 190 1.62 -1.32 -9.73
CA LEU B 190 1.06 -2.14 -10.81
C LEU B 190 0.52 -3.51 -10.43
N LYS B 191 1.07 -4.11 -9.39
CA LYS B 191 0.70 -5.46 -8.99
C LYS B 191 0.06 -5.57 -7.62
N GLY B 192 -0.02 -4.47 -6.87
CA GLY B 192 -0.75 -4.48 -5.61
C GLY B 192 -0.04 -4.70 -4.30
N GLY B 193 1.18 -5.23 -4.33
CA GLY B 193 1.90 -5.47 -3.09
C GLY B 193 1.64 -6.83 -2.48
N TYR B 194 0.65 -7.56 -3.01
CA TYR B 194 0.34 -8.92 -2.57
C TYR B 194 -0.31 -9.72 -3.69
N ASN B 195 -0.43 -11.04 -3.48
CA ASN B 195 -1.03 -11.93 -4.48
C ASN B 195 -1.97 -12.93 -3.78
N GLU B 196 -2.48 -13.90 -4.53
CA GLU B 196 -3.45 -14.87 -4.03
C GLU B 196 -2.97 -15.66 -2.80
N LEU B 197 -1.63 -15.74 -2.57
CA LEU B 197 -1.11 -16.47 -1.42
C LEU B 197 -1.51 -15.86 -0.08
N CYS B 198 -2.00 -14.59 -0.06
CA CYS B 198 -2.54 -14.00 1.18
C CYS B 198 -3.73 -14.85 1.70
N ASP B 199 -4.51 -15.50 0.80
CA ASP B 199 -5.64 -16.34 1.25
C ASP B 199 -5.12 -17.60 1.96
N ILE B 200 -3.95 -18.13 1.56
CA ILE B 200 -3.37 -19.32 2.22
C ILE B 200 -3.05 -18.97 3.68
N TRP B 201 -2.48 -17.77 3.92
CA TRP B 201 -2.21 -17.29 5.30
C TRP B 201 -3.53 -17.18 6.05
N SER B 202 -4.52 -16.52 5.45
CA SER B 202 -5.83 -16.32 6.08
C SER B 202 -6.50 -17.65 6.44
N LEU B 203 -6.33 -18.72 5.62
CA LEU B 203 -6.87 -20.06 5.94
C LEU B 203 -6.15 -20.62 7.17
N GLY B 204 -4.84 -20.40 7.28
CA GLY B 204 -4.06 -20.82 8.44
C GLY B 204 -4.59 -20.17 9.71
N ILE B 205 -4.83 -18.86 9.66
CA ILE B 205 -5.43 -18.14 10.79
C ILE B 205 -6.84 -18.66 11.10
N THR B 206 -7.61 -18.99 10.05
CA THR B 206 -8.97 -19.50 10.20
C THR B 206 -8.95 -20.88 10.86
N ALA B 207 -7.98 -21.74 10.55
CA ALA B 207 -7.87 -23.07 11.18
C ALA B 207 -7.63 -22.88 12.70
N ILE B 208 -6.79 -21.90 13.08
CA ILE B 208 -6.55 -21.56 14.49
C ILE B 208 -7.87 -21.08 15.13
N GLU B 209 -8.65 -20.21 14.45
CA GLU B 209 -9.95 -19.67 14.87
C GLU B 209 -11.01 -20.80 15.08
N LEU B 210 -10.99 -21.80 14.22
CA LEU B 210 -11.91 -22.92 14.33
C LEU B 210 -11.58 -23.77 15.57
N ALA B 211 -10.28 -23.89 15.86
CA ALA B 211 -9.73 -24.68 16.98
C ALA B 211 -9.82 -23.97 18.32
N GLU B 212 -9.56 -22.64 18.36
CA GLU B 212 -9.47 -21.82 19.57
C GLU B 212 -10.58 -20.79 19.80
N LEU B 213 -11.55 -20.65 18.86
CA LEU B 213 -12.73 -19.76 18.95
C LEU B 213 -12.48 -18.28 18.63
N GLN B 214 -11.22 -17.94 18.35
CA GLN B 214 -10.83 -16.60 17.94
C GLN B 214 -9.47 -16.65 17.24
N PRO B 215 -9.18 -15.68 16.37
CA PRO B 215 -7.86 -15.65 15.73
C PRO B 215 -6.77 -15.20 16.72
N PRO B 216 -5.50 -15.51 16.41
CA PRO B 216 -4.41 -15.10 17.31
C PRO B 216 -4.36 -13.59 17.48
N LEU B 217 -4.06 -13.14 18.71
CA LEU B 217 -3.98 -11.71 19.05
C LEU B 217 -5.31 -10.94 18.94
N PHE B 218 -6.46 -11.64 19.00
CA PHE B 218 -7.79 -11.01 18.92
C PHE B 218 -8.05 -9.98 20.03
N ASP B 219 -7.39 -10.13 21.18
CA ASP B 219 -7.53 -9.18 22.29
C ASP B 219 -6.62 -7.95 22.17
N VAL B 220 -5.69 -7.94 21.19
CA VAL B 220 -4.75 -6.84 20.97
C VAL B 220 -5.42 -5.80 20.05
N HIS B 221 -5.23 -4.47 20.31
CA HIS B 221 -5.82 -3.41 19.48
C HIS B 221 -5.47 -3.58 17.99
N PRO B 222 -6.47 -3.41 17.09
CA PRO B 222 -6.23 -3.60 15.65
C PRO B 222 -5.02 -2.89 15.07
N LEU B 223 -4.77 -1.63 15.50
CA LEU B 223 -3.64 -0.85 15.00
C LEU B 223 -2.31 -1.42 15.47
N ARG B 224 -2.27 -1.91 16.72
CA ARG B 224 -1.06 -2.50 17.27
C ARG B 224 -0.75 -3.80 16.52
N VAL B 225 -1.79 -4.60 16.20
CA VAL B 225 -1.64 -5.84 15.46
C VAL B 225 -1.04 -5.57 14.08
N LEU B 226 -1.51 -4.50 13.40
CA LEU B 226 -1.01 -4.09 12.09
C LEU B 226 0.46 -3.70 12.16
N PHE B 227 0.85 -2.93 13.19
CA PHE B 227 2.21 -2.50 13.38
C PHE B 227 3.13 -3.67 13.68
N LEU B 228 2.70 -4.60 14.54
CA LEU B 228 3.48 -5.79 14.86
C LEU B 228 3.76 -6.63 13.63
N MET B 229 2.76 -6.72 12.73
CA MET B 229 2.88 -7.50 11.51
C MET B 229 3.88 -6.94 10.52
N THR B 230 4.18 -5.64 10.58
CA THR B 230 5.08 -5.02 9.62
C THR B 230 6.54 -4.87 10.11
N LYS B 231 6.88 -5.49 11.25
CA LYS B 231 8.25 -5.45 11.77
C LYS B 231 9.06 -6.59 11.15
N SER B 232 10.38 -6.40 10.97
CA SER B 232 11.22 -7.45 10.36
C SER B 232 11.37 -8.71 11.23
N GLY B 233 11.21 -8.56 12.55
CA GLY B 233 11.32 -9.68 13.47
C GLY B 233 9.99 -10.30 13.85
N TYR B 234 8.93 -10.04 13.07
CA TYR B 234 7.60 -10.57 13.34
C TYR B 234 7.61 -12.10 13.19
N GLN B 235 7.02 -12.79 14.16
CA GLN B 235 6.95 -14.24 14.13
C GLN B 235 5.52 -14.68 13.89
N PRO B 236 5.31 -15.58 12.93
CA PRO B 236 3.95 -16.09 12.69
C PRO B 236 3.37 -16.77 13.92
N PRO B 237 2.04 -16.69 14.12
CA PRO B 237 1.44 -17.35 15.29
C PRO B 237 1.40 -18.88 15.19
N ARG B 238 0.97 -19.53 16.29
CA ARG B 238 0.91 -20.99 16.41
C ARG B 238 -0.32 -21.43 17.24
N LEU B 239 -0.61 -22.75 17.26
CA LEU B 239 -1.68 -23.27 18.11
C LEU B 239 -1.22 -23.17 19.57
N LYS B 240 -2.13 -22.75 20.47
CA LYS B 240 -1.86 -22.57 21.91
C LYS B 240 -1.46 -23.88 22.58
N GLU B 241 -2.23 -24.96 22.35
CA GLU B 241 -1.96 -26.28 22.93
C GLU B 241 -1.10 -27.08 21.97
N LYS B 242 -0.09 -27.78 22.49
CA LYS B 242 0.79 -28.58 21.65
C LYS B 242 0.31 -30.03 21.52
N GLY B 243 0.08 -30.70 22.65
CA GLY B 243 -0.35 -32.09 22.68
C GLY B 243 -1.76 -32.38 22.18
N LYS B 244 -2.64 -31.38 22.19
CA LYS B 244 -4.03 -31.54 21.75
C LYS B 244 -4.18 -31.79 20.24
N TRP B 245 -3.17 -31.40 19.45
CA TRP B 245 -3.24 -31.48 18.00
C TRP B 245 -2.12 -32.34 17.44
N SER B 246 -2.41 -33.05 16.34
CA SER B 246 -1.43 -33.93 15.68
C SER B 246 -0.28 -33.15 15.01
N ALA B 247 0.80 -33.87 14.66
CA ALA B 247 1.95 -33.25 13.98
C ALA B 247 1.51 -32.70 12.61
N ALA B 248 0.63 -33.41 11.89
CA ALA B 248 0.15 -32.94 10.59
C ALA B 248 -0.61 -31.59 10.71
N PHE B 249 -1.38 -31.39 11.80
CA PHE B 249 -2.10 -30.13 12.02
C PHE B 249 -1.11 -29.01 12.35
N HIS B 250 -0.10 -29.30 13.19
CA HIS B 250 0.91 -28.32 13.51
C HIS B 250 1.70 -27.92 12.25
N ASN B 251 2.07 -28.91 11.40
CA ASN B 251 2.80 -28.58 10.17
C ASN B 251 1.88 -27.80 9.22
N PHE B 252 0.57 -28.12 9.13
CA PHE B 252 -0.37 -27.37 8.27
C PHE B 252 -0.35 -25.88 8.65
N ILE B 253 -0.47 -25.60 9.95
CA ILE B 253 -0.40 -24.23 10.44
C ILE B 253 0.95 -23.57 10.14
N LYS B 254 2.05 -24.29 10.37
CA LYS B 254 3.37 -23.79 10.11
C LYS B 254 3.59 -23.40 8.64
N VAL B 255 3.16 -24.25 7.69
CA VAL B 255 3.41 -23.97 6.29
C VAL B 255 2.42 -22.92 5.72
N THR B 256 1.15 -22.95 6.10
CA THR B 256 0.19 -21.90 5.64
C THR B 256 0.63 -20.53 6.18
N LEU B 257 1.21 -20.48 7.40
CA LEU B 257 1.64 -19.21 7.97
C LEU B 257 3.12 -18.92 7.69
N THR B 258 3.62 -19.22 6.48
CA THR B 258 4.98 -18.88 6.09
C THR B 258 5.00 -17.38 5.90
N LYS B 259 5.87 -16.67 6.63
CA LYS B 259 5.90 -15.20 6.56
C LYS B 259 6.16 -14.68 5.17
N SER B 260 7.10 -15.29 4.45
CA SER B 260 7.44 -14.84 3.12
C SER B 260 6.42 -15.39 2.11
N PRO B 261 5.63 -14.53 1.44
CA PRO B 261 4.71 -15.05 0.41
C PRO B 261 5.44 -15.77 -0.71
N LYS B 262 6.72 -15.42 -0.97
CA LYS B 262 7.57 -16.06 -1.97
C LYS B 262 7.73 -17.57 -1.70
N LYS B 263 7.73 -17.97 -0.43
CA LYS B 263 7.90 -19.36 -0.03
C LYS B 263 6.61 -20.03 0.49
N ARG B 264 5.49 -19.29 0.56
CA ARG B 264 4.22 -19.84 1.05
C ARG B 264 3.64 -20.81 0.02
N PRO B 265 3.23 -22.02 0.44
CA PRO B 265 2.70 -22.98 -0.53
C PRO B 265 1.37 -22.54 -1.16
N SER B 266 1.20 -22.86 -2.44
CA SER B 266 -0.04 -22.55 -3.15
C SER B 266 -1.20 -23.43 -2.63
N ALA B 267 -2.45 -23.11 -3.05
CA ALA B 267 -3.61 -23.89 -2.67
C ALA B 267 -3.48 -25.32 -3.21
N THR B 268 -3.04 -25.49 -4.49
CA THR B 268 -2.85 -26.83 -5.02
C THR B 268 -1.80 -27.64 -4.26
N LYS B 269 -0.70 -26.99 -3.84
CA LYS B 269 0.34 -27.68 -3.06
C LYS B 269 -0.20 -28.07 -1.67
N MET B 270 -1.00 -27.19 -1.07
CA MET B 270 -1.62 -27.47 0.23
C MET B 270 -2.64 -28.60 0.17
N LEU B 271 -3.24 -28.86 -1.01
CA LEU B 271 -4.20 -29.96 -1.14
C LEU B 271 -3.51 -31.35 -1.03
N SER B 272 -2.17 -31.41 -1.25
CA SER B 272 -1.42 -32.66 -1.11
C SER B 272 -0.94 -32.90 0.34
N HIS B 273 -1.12 -31.93 1.24
CA HIS B 273 -0.68 -32.00 2.63
C HIS B 273 -1.39 -33.10 3.35
N GLN B 274 -0.66 -33.77 4.27
CA GLN B 274 -1.19 -34.89 5.04
C GLN B 274 -2.49 -34.56 5.76
N LEU B 275 -2.61 -33.35 6.32
CA LEU B 275 -3.81 -32.99 7.07
C LEU B 275 -5.11 -33.09 6.25
N VAL B 276 -5.06 -32.66 5.00
CA VAL B 276 -6.27 -32.63 4.17
C VAL B 276 -6.34 -33.74 3.13
N SER B 277 -5.30 -34.57 3.00
CA SER B 277 -5.35 -35.69 2.05
C SER B 277 -5.59 -37.04 2.75
N GLN B 278 -5.85 -37.04 4.08
CA GLN B 278 -6.13 -38.23 4.86
C GLN B 278 -7.49 -38.85 4.46
N PRO B 279 -7.67 -40.17 4.67
CA PRO B 279 -8.85 -40.85 4.09
C PRO B 279 -10.28 -40.60 4.62
N GLY B 280 -10.49 -40.35 5.91
CA GLY B 280 -11.85 -40.22 6.43
C GLY B 280 -12.56 -38.87 6.42
N LEU B 281 -12.13 -37.93 5.56
CA LEU B 281 -12.73 -36.59 5.53
C LEU B 281 -13.92 -36.53 4.58
N ASN B 282 -15.14 -36.28 5.11
CA ASN B 282 -16.33 -36.17 4.28
C ASN B 282 -17.42 -35.31 4.95
N ARG B 283 -18.50 -34.93 4.20
CA ARG B 283 -19.54 -34.07 4.76
C ARG B 283 -20.30 -34.65 5.93
N GLY B 284 -20.18 -35.96 6.16
CA GLY B 284 -20.74 -36.58 7.35
C GLY B 284 -20.15 -35.97 8.62
N LEU B 285 -18.85 -35.58 8.58
CA LEU B 285 -18.19 -34.93 9.71
C LEU B 285 -18.86 -33.57 10.05
N ILE B 286 -19.42 -32.86 9.04
CA ILE B 286 -20.07 -31.56 9.29
C ILE B 286 -21.58 -31.74 9.51
N LEU B 287 -22.20 -32.76 8.89
CA LEU B 287 -23.61 -33.07 9.16
C LEU B 287 -23.75 -33.53 10.63
N ASP B 288 -22.67 -34.08 11.22
CA ASP B 288 -22.63 -34.43 12.63
C ASP B 288 -22.64 -33.12 13.42
N LEU B 289 -21.81 -32.13 13.00
CA LEU B 289 -21.73 -30.80 13.61
C LEU B 289 -23.10 -30.14 13.61
N LEU B 290 -23.86 -30.23 12.49
CA LEU B 290 -25.21 -29.68 12.39
C LEU B 290 -26.20 -30.39 13.31
N ASP B 291 -26.00 -31.70 13.56
CA ASP B 291 -26.85 -32.48 14.47
C ASP B 291 -26.64 -31.96 15.91
N LYS B 292 -25.37 -31.69 16.28
CA LYS B 292 -25.04 -31.15 17.60
C LYS B 292 -25.71 -29.78 17.82
N LEU B 293 -25.94 -29.00 16.74
CA LEU B 293 -26.59 -27.68 16.80
C LEU B 293 -28.01 -27.69 17.39
N LYS B 294 -28.57 -28.88 17.66
CA LYS B 294 -29.89 -29.06 18.25
C LYS B 294 -29.81 -29.70 19.66
#